data_2PT2
#
_entry.id   2PT2
#
_cell.length_a   98.307
_cell.length_b   65.703
_cell.length_c   50.255
_cell.angle_alpha   90.000
_cell.angle_beta   102.430
_cell.angle_gamma   90.000
#
_symmetry.space_group_name_H-M   'C 1 2 1'
#
loop_
_entity.id
_entity.type
_entity.pdbx_description
1 polymer 'Iron transport protein'
2 non-polymer 'FE (II) ION'
3 non-polymer 'SULFATE ION'
4 non-polymer 1,2-ETHANEDIOL
5 water water
#
_entity_poly.entity_id   1
_entity_poly.type   'polypeptide(L)'
_entity_poly.pdbx_seq_one_letter_code
;GHMGQSPDAPIADTPGEQQEINLYSSRHYNTDNELYAKFTAETGIKVNLIEGKADELLERIKSEGANSPADVLLTVDLAR
LWRAEEDGIFQPVQSEILETNVPEYLRSPDGMWFGFTKRARVIMYNKGKVKPEELSTYEELADPKWKGRVIIRSSSNEYN
QSLVASLVVADGEESTLAWAKGFVSNFAREPQGNDTAQIEAVSSGEADLTLANTYYMGRLLESEDPAQKAIAENVGVFFP
NQEGRGTHVNVSGVGVVKTAPNREGAVKFIEFLVSEPAQAFLAQNNYEYPVLAGVPLNKSVASFGEFKSDTTSLDKLGPA
LAPATKIMNEAGWK
;
_entity_poly.pdbx_strand_id   A
#
loop_
_chem_comp.id
_chem_comp.type
_chem_comp.name
_chem_comp.formula
EDO non-polymer 1,2-ETHANEDIOL 'C2 H6 O2'
FE2 non-polymer 'FE (II) ION' 'Fe 2'
SO4 non-polymer 'SULFATE ION' 'O4 S -2'
#
# COMPACT_ATOMS: atom_id res chain seq x y z
N GLN A 19 23.39 -16.82 12.65
CA GLN A 19 22.96 -15.70 11.77
C GLN A 19 21.51 -15.30 12.05
N GLU A 20 21.28 -14.00 12.15
CA GLU A 20 19.94 -13.49 12.43
C GLU A 20 19.82 -12.06 11.93
N ILE A 21 18.60 -11.62 11.71
CA ILE A 21 18.36 -10.25 11.29
C ILE A 21 17.22 -9.69 12.12
N ASN A 22 17.28 -8.39 12.39
CA ASN A 22 16.25 -7.75 13.17
C ASN A 22 15.40 -6.96 12.19
N LEU A 23 14.20 -7.47 11.94
CA LEU A 23 13.26 -6.85 11.01
C LEU A 23 12.24 -5.96 11.69
N TYR A 24 12.15 -4.72 11.24
CA TYR A 24 11.18 -3.75 11.76
C TYR A 24 10.18 -3.64 10.62
N SER A 25 8.97 -4.16 10.81
CA SER A 25 7.98 -4.16 9.74
C SER A 25 6.61 -3.58 10.03
N SER A 26 6.11 -2.79 9.08
CA SER A 26 4.79 -2.23 9.20
C SER A 26 3.78 -3.09 8.42
N ARG A 27 4.25 -4.20 7.86
CA ARG A 27 3.33 -5.12 7.18
C ARG A 27 2.55 -5.69 8.35
N HIS A 28 1.26 -5.91 8.15
CA HIS A 28 0.35 -6.38 9.19
C HIS A 28 -0.54 -7.54 8.74
N TYR A 29 0.02 -8.52 8.04
CA TYR A 29 -0.77 -9.63 7.53
C TYR A 29 -0.51 -10.97 8.21
N ASN A 30 -1.55 -11.82 8.29
CA ASN A 30 -1.40 -13.11 8.92
C ASN A 30 -0.54 -14.06 8.10
N THR A 31 -0.13 -13.62 6.92
CA THR A 31 0.72 -14.43 6.05
C THR A 31 2.19 -14.05 6.22
N ASP A 32 2.46 -12.93 6.88
CA ASP A 32 3.82 -12.47 7.11
C ASP A 32 4.67 -13.52 7.85
N ASN A 33 4.08 -14.17 8.85
CA ASN A 33 4.82 -15.17 9.61
C ASN A 33 5.34 -16.30 8.72
N GLU A 34 4.48 -16.79 7.82
CA GLU A 34 4.88 -17.87 6.92
C GLU A 34 5.92 -17.35 5.92
N LEU A 35 5.76 -16.09 5.52
CA LEU A 35 6.68 -15.46 4.57
C LEU A 35 8.10 -15.50 5.14
N TYR A 36 8.23 -15.03 6.37
CA TYR A 36 9.51 -14.98 7.07
C TYR A 36 10.04 -16.39 7.31
N ALA A 37 9.14 -17.31 7.61
CA ALA A 37 9.50 -18.71 7.86
C ALA A 37 10.13 -19.26 6.59
N LYS A 38 9.54 -18.90 5.44
CA LYS A 38 10.04 -19.35 4.14
C LYS A 38 11.49 -18.89 4.00
N PHE A 39 11.75 -17.65 4.41
CA PHE A 39 13.09 -17.09 4.33
C PHE A 39 14.08 -17.90 5.15
N THR A 40 13.73 -18.15 6.41
CA THR A 40 14.60 -18.90 7.32
C THR A 40 14.82 -20.33 6.83
N ALA A 41 13.77 -20.98 6.35
CA ALA A 41 13.86 -22.34 5.86
C ALA A 41 14.77 -22.42 4.63
N GLU A 42 14.87 -21.31 3.90
CA GLU A 42 15.69 -21.25 2.71
C GLU A 42 17.14 -20.86 2.98
N THR A 43 17.34 -20.00 3.97
CA THR A 43 18.67 -19.49 4.28
C THR A 43 19.26 -19.84 5.64
N GLY A 44 18.43 -20.31 6.57
CA GLY A 44 18.92 -20.64 7.89
C GLY A 44 19.05 -19.40 8.77
N ILE A 45 18.72 -18.24 8.20
CA ILE A 45 18.83 -16.98 8.93
C ILE A 45 17.58 -16.72 9.77
N LYS A 46 17.80 -16.53 11.07
CA LYS A 46 16.70 -16.27 12.01
C LYS A 46 16.10 -14.88 11.81
N VAL A 47 14.80 -14.76 12.03
CA VAL A 47 14.14 -13.47 11.88
C VAL A 47 13.55 -13.02 13.21
N ASN A 48 14.12 -11.95 13.76
CA ASN A 48 13.61 -11.38 15.01
C ASN A 48 12.71 -10.25 14.50
N LEU A 49 11.43 -10.32 14.84
CA LEU A 49 10.47 -9.34 14.36
C LEU A 49 9.97 -8.28 15.33
N ILE A 50 9.89 -7.06 14.83
CA ILE A 50 9.39 -5.92 15.58
C ILE A 50 8.36 -5.28 14.64
N GLU A 51 7.08 -5.33 15.02
CA GLU A 51 6.04 -4.76 14.20
C GLU A 51 5.49 -3.47 14.79
N GLY A 52 4.90 -2.65 13.94
CA GLY A 52 4.32 -1.39 14.39
C GLY A 52 3.99 -0.55 13.17
N LYS A 53 3.45 0.65 13.39
CA LYS A 53 3.12 1.52 12.27
C LYS A 53 4.41 2.14 11.72
N ALA A 54 4.42 2.38 10.42
CA ALA A 54 5.60 2.95 9.74
C ALA A 54 6.26 4.08 10.53
N ASP A 55 5.50 5.14 10.79
CA ASP A 55 6.04 6.30 11.52
C ASP A 55 6.65 5.92 12.87
N GLU A 56 6.02 4.99 13.58
CA GLU A 56 6.52 4.55 14.87
C GLU A 56 7.87 3.83 14.73
N LEU A 57 7.96 3.00 13.69
CA LEU A 57 9.19 2.24 13.45
C LEU A 57 10.35 3.15 13.07
N LEU A 58 10.09 4.17 12.27
CA LEU A 58 11.14 5.10 11.87
C LEU A 58 11.63 5.91 13.08
N GLU A 59 10.69 6.29 13.94
CA GLU A 59 11.03 7.05 15.14
C GLU A 59 11.87 6.20 16.08
N ARG A 60 11.48 4.93 16.21
CA ARG A 60 12.21 4.02 17.09
C ARG A 60 13.66 3.88 16.60
N ILE A 61 13.82 3.61 15.32
CA ILE A 61 15.15 3.45 14.73
C ILE A 61 16.02 4.67 14.96
N LYS A 62 15.49 5.85 14.64
CA LYS A 62 16.27 7.07 14.83
C LYS A 62 16.61 7.31 16.31
N SER A 63 15.66 7.02 17.20
CA SER A 63 15.92 7.22 18.63
C SER A 63 16.84 6.17 19.23
N GLU A 64 16.99 5.02 18.57
CA GLU A 64 17.87 3.97 19.10
C GLU A 64 19.35 4.19 18.80
N GLY A 65 19.65 5.18 17.95
CA GLY A 65 21.03 5.49 17.66
C GLY A 65 21.80 4.59 16.69
N ALA A 66 23.12 4.79 16.66
CA ALA A 66 24.02 4.04 15.78
C ALA A 66 24.14 2.58 16.14
N ASN A 67 23.67 2.19 17.32
CA ASN A 67 23.76 0.79 17.72
C ASN A 67 22.38 0.12 17.72
N SER A 68 21.44 0.71 17.00
CA SER A 68 20.10 0.16 16.89
C SER A 68 20.22 -1.25 16.33
N PRO A 69 19.36 -2.18 16.79
CA PRO A 69 19.39 -3.57 16.30
C PRO A 69 18.85 -3.71 14.88
N ALA A 70 18.04 -2.73 14.47
CA ALA A 70 17.42 -2.73 13.15
C ALA A 70 18.33 -3.08 11.98
N ASP A 71 17.98 -4.15 11.27
CA ASP A 71 18.74 -4.59 10.10
C ASP A 71 17.98 -4.19 8.85
N VAL A 72 16.67 -4.37 8.90
CA VAL A 72 15.79 -4.07 7.78
C VAL A 72 14.54 -3.31 8.20
N LEU A 73 14.12 -2.36 7.36
CA LEU A 73 12.91 -1.59 7.59
C LEU A 73 11.96 -1.92 6.45
N LEU A 74 10.80 -2.45 6.79
CA LEU A 74 9.82 -2.86 5.80
C LEU A 74 8.55 -2.02 5.97
N THR A 75 8.04 -1.48 4.87
CA THR A 75 6.82 -0.66 4.89
C THR A 75 5.78 -1.17 3.91
N VAL A 76 4.60 -0.57 3.95
CA VAL A 76 3.52 -0.90 3.04
C VAL A 76 3.12 0.42 2.41
N ASP A 77 4.11 1.28 2.18
CA ASP A 77 3.89 2.59 1.58
C ASP A 77 5.20 3.12 1.00
N LEU A 78 5.12 3.63 -0.23
CA LEU A 78 6.31 4.15 -0.89
C LEU A 78 6.77 5.49 -0.31
N ALA A 79 5.82 6.36 0.05
CA ALA A 79 6.14 7.68 0.59
C ALA A 79 6.90 7.63 1.92
N ARG A 80 6.54 6.70 2.78
CA ARG A 80 7.23 6.57 4.06
C ARG A 80 8.67 6.13 3.82
N LEU A 81 8.88 5.34 2.76
CA LEU A 81 10.21 4.88 2.40
C LEU A 81 11.05 6.08 1.98
N TRP A 82 10.40 7.01 1.27
CA TRP A 82 11.06 8.23 0.84
C TRP A 82 11.53 9.03 2.04
N ARG A 83 10.64 9.24 3.01
CA ARG A 83 10.98 9.99 4.21
C ARG A 83 12.08 9.33 5.00
N ALA A 84 12.13 8.00 4.94
CA ALA A 84 13.17 7.26 5.64
C ALA A 84 14.50 7.52 4.94
N GLU A 85 14.54 7.41 3.61
CA GLU A 85 15.77 7.67 2.86
C GLU A 85 16.19 9.12 3.04
N GLU A 86 15.22 10.04 3.08
CA GLU A 86 15.53 11.45 3.25
C GLU A 86 16.27 11.69 4.55
N ASP A 87 15.85 10.99 5.61
CA ASP A 87 16.47 11.10 6.92
C ASP A 87 17.72 10.24 7.03
N GLY A 88 18.18 9.74 5.89
CA GLY A 88 19.40 8.93 5.86
C GLY A 88 19.42 7.68 6.72
N ILE A 89 18.32 6.94 6.76
CA ILE A 89 18.30 5.75 7.59
C ILE A 89 18.79 4.49 6.87
N PHE A 90 18.84 4.54 5.54
CA PHE A 90 19.28 3.39 4.75
C PHE A 90 20.72 3.45 4.26
N GLN A 91 21.26 2.28 3.89
CA GLN A 91 22.59 2.21 3.32
C GLN A 91 22.39 1.60 1.93
N PRO A 92 23.23 1.99 0.96
CA PRO A 92 23.13 1.48 -0.40
C PRO A 92 23.34 -0.03 -0.53
N VAL A 93 22.57 -0.64 -1.41
CA VAL A 93 22.68 -2.06 -1.68
C VAL A 93 22.75 -2.24 -3.19
N GLN A 94 23.77 -2.97 -3.64
CA GLN A 94 23.92 -3.25 -5.07
C GLN A 94 23.82 -4.75 -5.19
N SER A 95 22.68 -5.21 -5.71
CA SER A 95 22.43 -6.64 -5.88
C SER A 95 21.95 -6.90 -7.31
N GLU A 96 22.59 -7.85 -7.97
CA GLU A 96 22.21 -8.17 -9.34
C GLU A 96 20.77 -8.65 -9.40
N ILE A 97 20.36 -9.47 -8.45
CA ILE A 97 19.00 -9.98 -8.44
C ILE A 97 17.98 -8.85 -8.22
N LEU A 98 18.31 -7.89 -7.36
CA LEU A 98 17.41 -6.78 -7.11
C LEU A 98 17.26 -5.92 -8.35
N GLU A 99 18.37 -5.66 -9.03
CA GLU A 99 18.33 -4.82 -10.23
C GLU A 99 17.53 -5.45 -11.36
N THR A 100 17.70 -6.75 -11.57
CA THR A 100 16.97 -7.43 -12.65
C THR A 100 15.51 -7.68 -12.34
N ASN A 101 15.21 -8.09 -11.11
CA ASN A 101 13.85 -8.38 -10.70
C ASN A 101 12.98 -7.17 -10.38
N VAL A 102 13.57 -6.11 -9.84
CA VAL A 102 12.79 -4.93 -9.51
C VAL A 102 12.89 -3.84 -10.57
N PRO A 103 11.74 -3.41 -11.13
CA PRO A 103 11.74 -2.36 -12.16
C PRO A 103 12.42 -1.12 -11.60
N GLU A 104 13.23 -0.45 -12.43
CA GLU A 104 13.94 0.74 -11.99
C GLU A 104 13.06 1.79 -11.30
N TYR A 105 11.85 2.01 -11.83
CA TYR A 105 10.96 3.02 -11.25
C TYR A 105 10.38 2.63 -9.89
N LEU A 106 10.63 1.39 -9.47
CA LEU A 106 10.11 0.92 -8.19
C LEU A 106 11.19 0.74 -7.13
N ARG A 107 12.37 1.28 -7.37
CA ARG A 107 13.46 1.19 -6.39
C ARG A 107 14.29 2.47 -6.39
N SER A 108 14.97 2.72 -5.27
CA SER A 108 15.81 3.90 -5.13
C SER A 108 16.95 3.93 -6.14
N PRO A 109 17.14 5.08 -6.81
CA PRO A 109 18.20 5.26 -7.81
C PRO A 109 19.57 4.96 -7.19
N ASP A 110 19.67 5.10 -5.88
CA ASP A 110 20.94 4.86 -5.18
C ASP A 110 20.90 3.59 -4.35
N GLY A 111 20.01 2.68 -4.72
CA GLY A 111 19.89 1.41 -4.03
C GLY A 111 19.61 1.48 -2.55
N MET A 112 18.85 2.50 -2.12
CA MET A 112 18.52 2.67 -0.70
C MET A 112 17.32 1.83 -0.26
N TRP A 113 16.35 1.65 -1.16
CA TRP A 113 15.16 0.88 -0.88
C TRP A 113 14.60 0.26 -2.15
N PHE A 114 13.76 -0.75 -1.99
CA PHE A 114 13.19 -1.45 -3.13
C PHE A 114 11.76 -1.93 -2.88
N GLY A 115 10.89 -1.77 -3.87
CA GLY A 115 9.52 -2.23 -3.72
C GLY A 115 9.50 -3.69 -4.10
N PHE A 116 8.71 -4.51 -3.41
CA PHE A 116 8.64 -5.93 -3.75
C PHE A 116 7.22 -6.42 -4.03
N THR A 117 6.24 -5.57 -3.78
CA THR A 117 4.85 -5.87 -4.11
C THR A 117 4.16 -4.57 -4.49
N LYS A 118 3.05 -4.68 -5.19
CA LYS A 118 2.28 -3.51 -5.61
C LYS A 118 0.84 -3.76 -5.21
N ARG A 119 0.15 -2.68 -4.87
CA ARG A 119 -1.25 -2.74 -4.49
C ARG A 119 -1.92 -1.48 -5.02
N ALA A 120 -3.15 -1.61 -5.50
CA ALA A 120 -3.86 -0.47 -6.06
C ALA A 120 -4.97 -0.03 -5.11
N ARG A 121 -5.09 1.28 -4.90
CA ARG A 121 -6.14 1.79 -4.03
C ARG A 121 -7.25 2.14 -5.01
N VAL A 122 -8.29 1.32 -5.01
CA VAL A 122 -9.38 1.48 -5.96
C VAL A 122 -10.74 1.75 -5.33
N ILE A 123 -11.70 2.08 -6.19
CA ILE A 123 -13.06 2.33 -5.74
C ILE A 123 -13.76 0.98 -5.61
N MET A 124 -14.38 0.74 -4.46
CA MET A 124 -15.13 -0.49 -4.25
C MET A 124 -16.55 -0.04 -3.99
N TYR A 125 -17.47 -0.54 -4.80
CA TYR A 125 -18.87 -0.12 -4.74
C TYR A 125 -19.90 -1.22 -4.57
N ASN A 126 -21.04 -0.85 -4.00
CA ASN A 126 -22.13 -1.79 -3.81
C ASN A 126 -22.77 -2.00 -5.20
N LYS A 127 -22.73 -3.23 -5.66
CA LYS A 127 -23.26 -3.62 -6.97
C LYS A 127 -24.74 -3.28 -7.18
N GLY A 128 -25.53 -3.39 -6.12
CA GLY A 128 -26.95 -3.12 -6.22
C GLY A 128 -27.30 -1.65 -6.32
N LYS A 129 -26.44 -0.80 -5.77
CA LYS A 129 -26.69 0.64 -5.78
C LYS A 129 -25.85 1.40 -6.78
N VAL A 130 -24.77 0.79 -7.28
CA VAL A 130 -23.91 1.51 -8.21
C VAL A 130 -23.49 0.73 -9.45
N LYS A 131 -23.59 1.37 -10.61
CA LYS A 131 -23.18 0.74 -11.86
C LYS A 131 -21.83 1.33 -12.20
N PRO A 132 -20.91 0.51 -12.74
CA PRO A 132 -19.56 0.94 -13.11
C PRO A 132 -19.53 2.16 -14.01
N GLU A 133 -20.55 2.31 -14.86
CA GLU A 133 -20.61 3.43 -15.78
C GLU A 133 -20.73 4.77 -15.08
N GLU A 134 -21.14 4.73 -13.82
CA GLU A 134 -21.29 5.95 -13.01
C GLU A 134 -19.98 6.39 -12.37
N LEU A 135 -18.95 5.55 -12.50
CA LEU A 135 -17.66 5.84 -11.90
C LEU A 135 -16.63 6.25 -12.96
N SER A 136 -15.61 7.00 -12.53
CA SER A 136 -14.58 7.42 -13.46
C SER A 136 -13.24 7.68 -12.78
N THR A 137 -13.18 8.77 -12.02
CA THR A 137 -11.96 9.17 -11.34
C THR A 137 -12.12 9.37 -9.83
N TYR A 138 -10.98 9.52 -9.15
CA TYR A 138 -11.01 9.76 -7.71
C TYR A 138 -11.63 11.13 -7.51
N GLU A 139 -11.24 12.05 -8.40
CA GLU A 139 -11.71 13.42 -8.34
C GLU A 139 -13.23 13.53 -8.35
N GLU A 140 -13.89 12.65 -9.10
CA GLU A 140 -15.34 12.66 -9.19
C GLU A 140 -16.04 12.28 -7.90
N LEU A 141 -15.34 11.59 -7.01
CA LEU A 141 -15.94 11.20 -5.74
C LEU A 141 -16.38 12.40 -4.91
N ALA A 142 -15.91 13.59 -5.28
CA ALA A 142 -16.28 14.82 -4.58
C ALA A 142 -17.59 15.38 -5.16
N ASP A 143 -18.07 14.78 -6.25
CA ASP A 143 -19.31 15.21 -6.89
C ASP A 143 -20.50 15.14 -5.92
N PRO A 144 -21.43 16.10 -6.00
CA PRO A 144 -22.61 16.12 -5.12
C PRO A 144 -23.48 14.87 -5.22
N LYS A 145 -23.37 14.16 -6.34
CA LYS A 145 -24.13 12.94 -6.55
C LYS A 145 -23.85 11.91 -5.46
N TRP A 146 -22.64 11.92 -4.94
CA TRP A 146 -22.23 10.96 -3.92
C TRP A 146 -22.46 11.40 -2.47
N LYS A 147 -23.26 12.45 -2.31
CA LYS A 147 -23.57 12.98 -0.98
C LYS A 147 -24.15 11.92 -0.04
N GLY A 148 -23.52 11.76 1.13
CA GLY A 148 -23.99 10.79 2.10
C GLY A 148 -23.87 9.34 1.66
N ARG A 149 -23.07 9.08 0.64
CA ARG A 149 -22.93 7.72 0.12
C ARG A 149 -21.48 7.21 0.14
N VAL A 150 -20.56 8.03 0.64
CA VAL A 150 -19.16 7.66 0.69
C VAL A 150 -18.62 7.42 2.11
N ILE A 151 -17.72 6.46 2.24
CA ILE A 151 -17.06 6.19 3.52
C ILE A 151 -15.61 5.82 3.20
N ILE A 152 -14.73 6.10 4.15
CA ILE A 152 -13.31 5.78 3.97
C ILE A 152 -12.66 5.82 5.34
N ARG A 153 -11.54 5.11 5.51
CA ARG A 153 -10.85 5.09 6.80
C ARG A 153 -10.21 6.45 7.08
N SER A 154 -9.70 6.62 8.30
CA SER A 154 -9.09 7.88 8.76
C SER A 154 -7.96 8.44 7.91
N SER A 155 -7.82 9.76 7.94
CA SER A 155 -6.77 10.46 7.23
C SER A 155 -5.40 10.15 7.84
N SER A 156 -5.39 9.52 9.01
CA SER A 156 -4.13 9.19 9.66
C SER A 156 -3.44 8.03 8.94
N ASN A 157 -4.22 7.24 8.19
CA ASN A 157 -3.68 6.11 7.45
C ASN A 157 -2.82 6.52 6.26
N GLU A 158 -1.66 5.88 6.13
CA GLU A 158 -0.72 6.20 5.05
C GLU A 158 -1.21 5.90 3.65
N TYR A 159 -2.08 4.90 3.48
CA TYR A 159 -2.60 4.57 2.17
C TYR A 159 -3.36 5.81 1.66
N ASN A 160 -4.14 6.41 2.55
CA ASN A 160 -4.91 7.61 2.19
C ASN A 160 -4.01 8.82 1.98
N GLN A 161 -3.00 8.99 2.83
CA GLN A 161 -2.12 10.14 2.70
C GLN A 161 -1.34 10.09 1.39
N SER A 162 -0.95 8.89 0.97
CA SER A 162 -0.22 8.74 -0.28
C SER A 162 -1.14 9.00 -1.47
N LEU A 163 -2.40 8.59 -1.35
CA LEU A 163 -3.36 8.83 -2.43
C LEU A 163 -3.58 10.33 -2.60
N VAL A 164 -3.78 11.03 -1.48
CA VAL A 164 -4.00 12.48 -1.51
C VAL A 164 -2.74 13.15 -2.06
N ALA A 165 -1.58 12.58 -1.75
CA ALA A 165 -0.33 13.12 -2.25
C ALA A 165 -0.29 12.99 -3.78
N SER A 166 -0.77 11.87 -4.31
CA SER A 166 -0.76 11.70 -5.76
C SER A 166 -1.69 12.71 -6.42
N LEU A 167 -2.77 13.08 -5.73
CA LEU A 167 -3.70 14.07 -6.29
C LEU A 167 -3.06 15.45 -6.29
N VAL A 168 -2.24 15.72 -5.27
CA VAL A 168 -1.54 16.99 -5.18
C VAL A 168 -0.57 17.08 -6.36
N VAL A 169 0.16 16.00 -6.58
CA VAL A 169 1.13 15.94 -7.68
C VAL A 169 0.49 16.12 -9.05
N ALA A 170 -0.63 15.45 -9.27
CA ALA A 170 -1.31 15.52 -10.56
C ALA A 170 -2.20 16.73 -10.78
N ASP A 171 -2.92 17.13 -9.73
CA ASP A 171 -3.88 18.24 -9.84
C ASP A 171 -3.45 19.55 -9.18
N GLY A 172 -2.51 19.49 -8.24
CA GLY A 172 -2.07 20.69 -7.55
C GLY A 172 -2.71 20.84 -6.18
N GLU A 173 -2.06 21.60 -5.31
CA GLU A 173 -2.57 21.81 -3.95
C GLU A 173 -3.93 22.49 -3.85
N GLU A 174 -4.09 23.59 -4.57
CA GLU A 174 -5.35 24.33 -4.57
C GLU A 174 -6.54 23.45 -4.91
N SER A 175 -6.45 22.76 -6.05
CA SER A 175 -7.52 21.89 -6.51
C SER A 175 -7.79 20.70 -5.60
N THR A 176 -6.74 20.13 -5.03
CA THR A 176 -6.89 18.98 -4.15
C THR A 176 -7.59 19.38 -2.86
N LEU A 177 -7.30 20.58 -2.37
CA LEU A 177 -7.96 21.07 -1.16
C LEU A 177 -9.45 21.16 -1.43
N ALA A 178 -9.80 21.70 -2.60
CA ALA A 178 -11.20 21.83 -2.98
C ALA A 178 -11.84 20.45 -3.09
N TRP A 179 -11.12 19.51 -3.69
CA TRP A 179 -11.62 18.15 -3.83
C TRP A 179 -11.86 17.52 -2.46
N ALA A 180 -10.86 17.60 -1.58
CA ALA A 180 -10.97 17.01 -0.25
C ALA A 180 -12.20 17.51 0.51
N LYS A 181 -12.46 18.81 0.47
CA LYS A 181 -13.61 19.36 1.16
C LYS A 181 -14.89 18.72 0.62
N GLY A 182 -14.97 18.59 -0.70
CA GLY A 182 -16.15 18.00 -1.32
C GLY A 182 -16.28 16.52 -0.98
N PHE A 183 -15.14 15.82 -1.00
CA PHE A 183 -15.10 14.41 -0.68
C PHE A 183 -15.58 14.21 0.75
N VAL A 184 -15.03 14.98 1.68
CA VAL A 184 -15.43 14.87 3.09
C VAL A 184 -16.92 15.19 3.28
N SER A 185 -17.42 16.19 2.55
CA SER A 185 -18.83 16.56 2.67
C SER A 185 -19.73 15.40 2.24
N ASN A 186 -19.18 14.47 1.47
CA ASN A 186 -19.95 13.32 1.00
C ASN A 186 -19.95 12.10 1.94
N PHE A 187 -19.19 12.18 3.03
CA PHE A 187 -19.10 11.05 3.98
C PHE A 187 -20.43 10.68 4.63
N ALA A 188 -20.73 9.38 4.62
CA ALA A 188 -21.96 8.87 5.23
C ALA A 188 -21.76 8.76 6.74
N ARG A 189 -20.50 8.60 7.15
CA ARG A 189 -20.17 8.48 8.56
C ARG A 189 -18.73 8.96 8.74
N GLU A 190 -18.34 9.20 9.99
CA GLU A 190 -16.97 9.63 10.23
C GLU A 190 -16.05 8.43 10.03
N PRO A 191 -14.85 8.65 9.49
CA PRO A 191 -13.89 7.57 9.27
C PRO A 191 -13.74 6.66 10.48
N GLN A 192 -14.01 5.38 10.29
CA GLN A 192 -13.91 4.38 11.36
C GLN A 192 -13.55 3.02 10.79
N GLY A 193 -12.61 2.33 11.43
CA GLY A 193 -12.19 1.01 10.96
C GLY A 193 -11.14 1.04 9.87
N ASN A 194 -10.69 -0.13 9.44
CA ASN A 194 -9.68 -0.22 8.38
C ASN A 194 -10.33 -0.41 7.01
N ASP A 195 -9.54 -0.73 5.99
CA ASP A 195 -10.08 -0.92 4.64
C ASP A 195 -11.15 -2.01 4.58
N THR A 196 -10.91 -3.13 5.26
CA THR A 196 -11.87 -4.23 5.25
C THR A 196 -13.19 -3.84 5.90
N ALA A 197 -13.12 -3.02 6.95
CA ALA A 197 -14.33 -2.57 7.63
C ALA A 197 -15.14 -1.72 6.64
N GLN A 198 -14.46 -0.97 5.79
CA GLN A 198 -15.14 -0.13 4.81
C GLN A 198 -15.89 -1.00 3.79
N ILE A 199 -15.23 -2.05 3.31
CA ILE A 199 -15.83 -2.96 2.33
C ILE A 199 -17.08 -3.60 2.93
N GLU A 200 -16.98 -4.03 4.17
CA GLU A 200 -18.12 -4.66 4.85
C GLU A 200 -19.28 -3.68 4.98
N ALA A 201 -18.98 -2.44 5.35
CA ALA A 201 -20.00 -1.41 5.52
C ALA A 201 -20.71 -1.11 4.19
N VAL A 202 -19.96 -1.09 3.10
CA VAL A 202 -20.54 -0.84 1.78
C VAL A 202 -21.42 -2.02 1.40
N SER A 203 -20.94 -3.21 1.73
CA SER A 203 -21.68 -4.44 1.46
C SER A 203 -23.01 -4.47 2.21
N SER A 204 -22.99 -3.96 3.45
CA SER A 204 -24.19 -3.93 4.30
C SER A 204 -25.13 -2.76 4.03
N GLY A 205 -24.82 -1.96 3.02
CA GLY A 205 -25.70 -0.84 2.68
C GLY A 205 -25.53 0.42 3.50
N GLU A 206 -24.50 0.46 4.34
CA GLU A 206 -24.25 1.64 5.16
C GLU A 206 -23.69 2.77 4.29
N ALA A 207 -23.20 2.41 3.11
CA ALA A 207 -22.65 3.35 2.15
C ALA A 207 -22.64 2.65 0.80
N ASP A 208 -22.46 3.42 -0.27
CA ASP A 208 -22.46 2.85 -1.60
C ASP A 208 -21.06 2.64 -2.20
N LEU A 209 -20.07 3.33 -1.68
CA LEU A 209 -18.73 3.16 -2.21
C LEU A 209 -17.65 3.60 -1.23
N THR A 210 -16.45 3.09 -1.45
CA THR A 210 -15.31 3.43 -0.61
C THR A 210 -14.04 3.27 -1.42
N LEU A 211 -12.90 3.55 -0.80
CA LEU A 211 -11.61 3.39 -1.45
C LEU A 211 -10.83 2.41 -0.58
N ALA A 212 -10.28 1.38 -1.19
CA ALA A 212 -9.50 0.38 -0.44
C ALA A 212 -8.49 -0.30 -1.35
N ASN A 213 -7.50 -0.95 -0.76
CA ASN A 213 -6.48 -1.64 -1.54
C ASN A 213 -7.04 -2.95 -2.07
N THR A 214 -6.70 -3.25 -3.31
CA THR A 214 -7.17 -4.45 -4.00
C THR A 214 -7.00 -5.77 -3.25
N TYR A 215 -5.85 -5.98 -2.64
CA TYR A 215 -5.62 -7.24 -1.92
C TYR A 215 -6.60 -7.50 -0.77
N TYR A 216 -7.29 -6.46 -0.28
CA TYR A 216 -8.26 -6.67 0.78
C TYR A 216 -9.50 -7.36 0.22
N MET A 217 -9.84 -7.04 -1.03
CA MET A 217 -10.98 -7.67 -1.67
C MET A 217 -10.56 -9.07 -2.09
N GLY A 218 -9.29 -9.20 -2.49
CA GLY A 218 -8.77 -10.50 -2.88
C GLY A 218 -8.89 -11.47 -1.71
N ARG A 219 -8.59 -10.97 -0.52
CA ARG A 219 -8.65 -11.78 0.70
C ARG A 219 -10.07 -12.28 0.99
N LEU A 220 -11.05 -11.40 0.82
CA LEU A 220 -12.44 -11.76 1.09
C LEU A 220 -12.96 -12.80 0.10
N LEU A 221 -12.62 -12.62 -1.17
CA LEU A 221 -13.02 -13.54 -2.22
C LEU A 221 -12.38 -14.92 -2.05
N GLU A 222 -11.19 -14.94 -1.47
CA GLU A 222 -10.44 -16.18 -1.27
C GLU A 222 -10.53 -16.78 0.14
N SER A 223 -11.28 -16.12 1.02
CA SER A 223 -11.45 -16.58 2.39
C SER A 223 -12.19 -17.91 2.50
N GLU A 224 -11.82 -18.72 3.49
CA GLU A 224 -12.48 -20.01 3.70
C GLU A 224 -13.73 -19.77 4.54
N ASP A 225 -13.89 -18.54 5.01
CA ASP A 225 -15.04 -18.14 5.81
C ASP A 225 -16.15 -17.71 4.84
N PRO A 226 -17.26 -18.45 4.80
CA PRO A 226 -18.37 -18.12 3.90
C PRO A 226 -18.90 -16.69 4.11
N ALA A 227 -18.82 -16.21 5.36
CA ALA A 227 -19.29 -14.86 5.68
C ALA A 227 -18.51 -13.81 4.92
N GLN A 228 -17.19 -13.96 4.88
CA GLN A 228 -16.34 -13.03 4.17
C GLN A 228 -16.62 -13.06 2.67
N LYS A 229 -16.76 -14.26 2.11
CA LYS A 229 -17.05 -14.37 0.68
C LYS A 229 -18.41 -13.76 0.35
N ALA A 230 -19.34 -13.84 1.27
CA ALA A 230 -20.68 -13.28 1.04
C ALA A 230 -20.60 -11.75 0.94
N ILE A 231 -19.74 -11.16 1.75
CA ILE A 231 -19.53 -9.71 1.75
C ILE A 231 -18.96 -9.29 0.40
N ALA A 232 -17.96 -10.03 -0.06
CA ALA A 232 -17.30 -9.74 -1.33
C ALA A 232 -18.27 -9.75 -2.51
N GLU A 233 -19.22 -10.68 -2.48
CA GLU A 233 -20.21 -10.81 -3.56
C GLU A 233 -21.05 -9.54 -3.80
N ASN A 234 -21.27 -8.74 -2.74
CA ASN A 234 -22.06 -7.52 -2.87
C ASN A 234 -21.27 -6.31 -3.36
N VAL A 235 -19.94 -6.43 -3.38
CA VAL A 235 -19.09 -5.31 -3.75
C VAL A 235 -18.22 -5.52 -4.99
N GLY A 236 -18.23 -4.55 -5.90
CA GLY A 236 -17.43 -4.64 -7.09
C GLY A 236 -16.19 -3.75 -6.99
N VAL A 237 -15.23 -3.97 -7.87
CA VAL A 237 -13.98 -3.20 -7.89
C VAL A 237 -13.88 -2.37 -9.18
N PHE A 238 -13.50 -1.11 -9.04
CA PHE A 238 -13.36 -0.22 -10.19
C PHE A 238 -12.01 0.49 -10.15
N PHE A 239 -11.23 0.36 -11.23
CA PHE A 239 -9.92 1.02 -11.32
C PHE A 239 -10.14 2.41 -11.90
N PRO A 240 -9.92 3.46 -11.09
CA PRO A 240 -10.09 4.87 -11.47
C PRO A 240 -9.03 5.51 -12.36
N ASN A 241 -9.42 6.65 -12.95
CA ASN A 241 -8.58 7.48 -13.81
C ASN A 241 -7.93 6.79 -14.99
N GLN A 242 -8.65 5.86 -15.63
CA GLN A 242 -8.11 5.13 -16.77
C GLN A 242 -7.84 6.01 -17.99
N GLU A 243 -8.63 7.07 -18.15
CA GLU A 243 -8.46 7.97 -19.29
C GLU A 243 -7.25 8.88 -19.10
N GLY A 244 -6.80 9.03 -17.85
CA GLY A 244 -5.67 9.89 -17.58
C GLY A 244 -4.40 9.22 -17.09
N ARG A 245 -3.92 9.66 -15.94
CA ARG A 245 -2.69 9.13 -15.35
C ARG A 245 -2.75 7.67 -14.90
N GLY A 246 -3.95 7.15 -14.68
CA GLY A 246 -4.07 5.78 -14.24
C GLY A 246 -4.40 5.65 -12.76
N THR A 247 -4.65 4.41 -12.34
CA THR A 247 -5.00 4.13 -10.95
C THR A 247 -3.81 4.31 -10.02
N HIS A 248 -4.07 4.83 -8.82
CA HIS A 248 -3.00 5.04 -7.85
C HIS A 248 -2.50 3.69 -7.37
N VAL A 249 -1.21 3.44 -7.55
CA VAL A 249 -0.60 2.19 -7.14
C VAL A 249 0.52 2.47 -6.13
N ASN A 250 0.48 1.78 -5.00
CA ASN A 250 1.50 1.97 -3.97
C ASN A 250 2.24 0.66 -3.85
N VAL A 251 3.30 0.61 -3.04
CA VAL A 251 4.06 -0.61 -2.90
C VAL A 251 4.40 -0.94 -1.46
N SER A 252 4.84 -2.18 -1.25
CA SER A 252 5.30 -2.62 0.05
C SER A 252 6.78 -2.64 -0.28
N GLY A 253 7.57 -1.87 0.44
CA GLY A 253 8.98 -1.79 0.16
C GLY A 253 9.89 -2.10 1.32
N VAL A 254 11.19 -2.17 1.05
CA VAL A 254 12.14 -2.51 2.08
C VAL A 254 13.52 -1.91 1.80
N GLY A 255 14.28 -1.70 2.87
CA GLY A 255 15.62 -1.15 2.74
C GLY A 255 16.46 -1.62 3.91
N VAL A 256 17.78 -1.66 3.73
CA VAL A 256 18.69 -2.09 4.79
C VAL A 256 19.08 -0.87 5.62
N VAL A 257 18.88 -0.95 6.93
CA VAL A 257 19.21 0.17 7.82
C VAL A 257 20.72 0.44 7.76
N LYS A 258 21.09 1.72 7.68
CA LYS A 258 22.48 2.15 7.59
C LYS A 258 23.40 1.55 8.65
N THR A 259 22.88 1.32 9.85
CA THR A 259 23.67 0.77 10.93
C THR A 259 23.43 -0.71 11.21
N ALA A 260 22.80 -1.38 10.25
CA ALA A 260 22.47 -2.80 10.40
C ALA A 260 23.61 -3.66 10.98
N PRO A 261 23.33 -4.40 12.06
CA PRO A 261 24.38 -5.25 12.64
C PRO A 261 24.73 -6.43 11.72
N ASN A 262 23.78 -6.85 10.89
CA ASN A 262 24.05 -7.96 9.96
C ASN A 262 23.63 -7.58 8.54
N ARG A 263 24.46 -6.77 7.89
CA ARG A 263 24.19 -6.32 6.53
C ARG A 263 24.05 -7.50 5.57
N GLU A 264 24.90 -8.52 5.73
CA GLU A 264 24.86 -9.69 4.86
C GLU A 264 23.50 -10.37 4.89
N GLY A 265 22.98 -10.63 6.09
CA GLY A 265 21.69 -11.27 6.21
C GLY A 265 20.57 -10.36 5.72
N ALA A 266 20.69 -9.07 5.98
CA ALA A 266 19.69 -8.10 5.55
C ALA A 266 19.55 -8.12 4.04
N VAL A 267 20.68 -8.15 3.35
CA VAL A 267 20.67 -8.17 1.88
C VAL A 267 20.04 -9.46 1.37
N LYS A 268 20.37 -10.59 1.99
CA LYS A 268 19.79 -11.86 1.57
C LYS A 268 18.28 -11.84 1.73
N PHE A 269 17.81 -11.12 2.74
CA PHE A 269 16.37 -11.02 3.01
C PHE A 269 15.65 -10.28 1.89
N ILE A 270 16.21 -9.16 1.46
CA ILE A 270 15.62 -8.38 0.39
C ILE A 270 15.68 -9.15 -0.93
N GLU A 271 16.78 -9.86 -1.15
CA GLU A 271 16.94 -10.64 -2.36
C GLU A 271 15.91 -11.77 -2.37
N PHE A 272 15.58 -12.28 -1.19
CA PHE A 272 14.60 -13.34 -1.04
C PHE A 272 13.20 -12.82 -1.38
N LEU A 273 12.88 -11.63 -0.88
CA LEU A 273 11.57 -11.05 -1.13
C LEU A 273 11.24 -10.84 -2.60
N VAL A 274 12.25 -10.50 -3.41
CA VAL A 274 12.00 -10.24 -4.82
C VAL A 274 12.18 -11.46 -5.73
N SER A 275 12.53 -12.60 -5.14
CA SER A 275 12.73 -13.81 -5.93
C SER A 275 11.40 -14.52 -6.17
N GLU A 276 11.38 -15.35 -7.21
CA GLU A 276 10.19 -16.09 -7.62
C GLU A 276 9.41 -16.80 -6.51
N PRO A 277 10.10 -17.55 -5.64
CA PRO A 277 9.36 -18.22 -4.58
C PRO A 277 8.54 -17.29 -3.70
N ALA A 278 9.16 -16.22 -3.21
CA ALA A 278 8.46 -15.27 -2.35
C ALA A 278 7.41 -14.47 -3.14
N GLN A 279 7.75 -14.11 -4.37
CA GLN A 279 6.83 -13.34 -5.21
C GLN A 279 5.54 -14.12 -5.47
N ALA A 280 5.68 -15.39 -5.79
CA ALA A 280 4.52 -16.24 -6.05
C ALA A 280 3.67 -16.40 -4.78
N PHE A 281 4.33 -16.53 -3.63
CA PHE A 281 3.63 -16.66 -2.37
C PHE A 281 2.83 -15.41 -2.03
N LEU A 282 3.47 -14.25 -2.20
CA LEU A 282 2.84 -12.98 -1.90
C LEU A 282 1.66 -12.71 -2.81
N ALA A 283 1.79 -13.06 -4.07
CA ALA A 283 0.71 -12.85 -5.02
C ALA A 283 -0.44 -13.82 -4.76
N GLN A 284 -0.10 -15.09 -4.54
CA GLN A 284 -1.09 -16.13 -4.33
C GLN A 284 -1.72 -16.21 -2.94
N ASN A 285 -0.95 -15.87 -1.91
CA ASN A 285 -1.43 -15.95 -0.54
C ASN A 285 -1.78 -14.62 0.11
N ASN A 286 -1.20 -13.52 -0.35
CA ASN A 286 -1.57 -12.24 0.24
C ASN A 286 -2.30 -11.35 -0.76
N TYR A 287 -2.55 -11.90 -1.96
CA TYR A 287 -3.31 -11.22 -3.00
C TYR A 287 -2.78 -9.89 -3.54
N GLU A 288 -1.47 -9.67 -3.43
CA GLU A 288 -0.87 -8.44 -3.94
C GLU A 288 -0.35 -8.67 -5.35
N TYR A 289 0.07 -7.59 -6.02
CA TYR A 289 0.62 -7.68 -7.36
C TYR A 289 2.12 -7.85 -7.19
N PRO A 290 2.70 -8.89 -7.78
CA PRO A 290 4.14 -9.12 -7.67
C PRO A 290 4.89 -8.09 -8.51
N VAL A 291 6.14 -7.81 -8.18
CA VAL A 291 6.90 -6.84 -8.96
C VAL A 291 7.66 -7.59 -10.04
N LEU A 292 7.95 -8.86 -9.78
CA LEU A 292 8.67 -9.72 -10.72
C LEU A 292 7.76 -10.22 -11.84
N ALA A 293 8.18 -10.01 -13.08
CA ALA A 293 7.40 -10.45 -14.24
C ALA A 293 7.39 -11.98 -14.35
N GLY A 294 6.36 -12.51 -15.00
CA GLY A 294 6.27 -13.95 -15.17
C GLY A 294 5.60 -14.66 -14.00
N VAL A 295 5.29 -13.91 -12.95
CA VAL A 295 4.65 -14.47 -11.76
C VAL A 295 3.13 -14.27 -11.83
N PRO A 296 2.36 -15.38 -11.80
CA PRO A 296 0.90 -15.32 -11.87
C PRO A 296 0.22 -14.71 -10.65
N LEU A 297 -0.83 -13.93 -10.93
CA LEU A 297 -1.61 -13.29 -9.88
C LEU A 297 -2.57 -14.32 -9.30
N ASN A 298 -3.10 -14.04 -8.12
CA ASN A 298 -4.07 -14.93 -7.52
C ASN A 298 -5.28 -14.83 -8.47
N LYS A 299 -5.99 -15.95 -8.66
CA LYS A 299 -7.15 -15.98 -9.56
C LYS A 299 -8.20 -14.90 -9.26
N SER A 300 -8.51 -14.70 -7.98
CA SER A 300 -9.50 -13.70 -7.61
C SER A 300 -9.06 -12.30 -7.99
N VAL A 301 -7.79 -12.00 -7.78
CA VAL A 301 -7.24 -10.69 -8.12
C VAL A 301 -7.23 -10.55 -9.63
N ALA A 302 -6.86 -11.64 -10.31
CA ALA A 302 -6.84 -11.62 -11.77
C ALA A 302 -8.22 -11.29 -12.32
N SER A 303 -9.26 -11.73 -11.62
CA SER A 303 -10.64 -11.50 -12.06
C SER A 303 -11.05 -10.03 -12.04
N PHE A 304 -10.25 -9.19 -11.39
CA PHE A 304 -10.57 -7.77 -11.32
C PHE A 304 -10.47 -7.14 -12.71
N GLY A 305 -9.63 -7.72 -13.55
CA GLY A 305 -9.43 -7.21 -14.89
C GLY A 305 -8.14 -6.41 -14.97
N GLU A 306 -7.75 -6.03 -16.19
CA GLU A 306 -6.55 -5.24 -16.42
C GLU A 306 -6.84 -3.75 -16.29
N PHE A 307 -5.81 -2.97 -16.00
CA PHE A 307 -6.00 -1.54 -15.83
C PHE A 307 -4.71 -0.76 -16.00
N LYS A 308 -4.84 0.55 -16.20
CA LYS A 308 -3.68 1.42 -16.34
C LYS A 308 -3.25 1.85 -14.94
N SER A 309 -1.96 1.72 -14.64
CA SER A 309 -1.42 2.11 -13.35
C SER A 309 -0.68 3.44 -13.48
N ASP A 310 -0.77 4.27 -12.45
CA ASP A 310 -0.11 5.56 -12.42
C ASP A 310 1.37 5.32 -12.07
N THR A 311 2.25 5.50 -13.04
CA THR A 311 3.67 5.28 -12.82
C THR A 311 4.45 6.59 -12.90
N THR A 312 3.74 7.69 -13.15
CA THR A 312 4.38 8.99 -13.28
C THR A 312 4.45 9.80 -11.98
N SER A 313 3.47 9.61 -11.09
CA SER A 313 3.44 10.35 -9.83
C SER A 313 4.26 9.75 -8.69
N LEU A 314 4.94 8.63 -8.92
CA LEU A 314 5.68 7.95 -7.86
C LEU A 314 6.84 8.67 -7.15
N ASP A 315 7.84 9.10 -7.91
CA ASP A 315 9.00 9.76 -7.32
C ASP A 315 8.72 11.14 -6.72
N LYS A 316 7.50 11.64 -6.87
CA LYS A 316 7.15 12.95 -6.33
C LYS A 316 6.15 12.87 -5.18
N LEU A 317 5.75 11.64 -4.84
CA LEU A 317 4.80 11.43 -3.76
C LEU A 317 5.32 11.87 -2.39
N GLY A 318 6.56 11.50 -2.09
CA GLY A 318 7.14 11.86 -0.80
C GLY A 318 7.06 13.34 -0.51
N PRO A 319 7.56 14.20 -1.41
CA PRO A 319 7.51 15.64 -1.17
C PRO A 319 6.08 16.14 -1.01
N ALA A 320 5.13 15.42 -1.62
CA ALA A 320 3.72 15.80 -1.56
C ALA A 320 3.03 15.39 -0.27
N LEU A 321 3.70 14.61 0.57
CA LEU A 321 3.12 14.19 1.83
C LEU A 321 2.71 15.38 2.68
N ALA A 322 3.64 16.30 2.91
CA ALA A 322 3.36 17.48 3.71
C ALA A 322 2.09 18.22 3.27
N PRO A 323 2.01 18.63 2.00
CA PRO A 323 0.79 19.32 1.59
C PRO A 323 -0.46 18.45 1.66
N ALA A 324 -0.32 17.14 1.47
CA ALA A 324 -1.46 16.23 1.52
C ALA A 324 -2.08 16.19 2.91
N THR A 325 -1.24 16.04 3.94
CA THR A 325 -1.73 15.99 5.31
C THR A 325 -2.34 17.33 5.72
N LYS A 326 -1.77 18.42 5.22
CA LYS A 326 -2.28 19.75 5.51
C LYS A 326 -3.68 19.86 4.92
N ILE A 327 -3.83 19.39 3.68
CA ILE A 327 -5.10 19.43 2.97
C ILE A 327 -6.16 18.59 3.66
N MET A 328 -5.78 17.39 4.12
CA MET A 328 -6.71 16.50 4.78
C MET A 328 -7.20 17.08 6.11
N ASN A 329 -6.30 17.79 6.80
CA ASN A 329 -6.64 18.42 8.07
C ASN A 329 -7.61 19.58 7.82
N GLU A 330 -7.23 20.46 6.90
CA GLU A 330 -8.07 21.61 6.57
C GLU A 330 -9.45 21.23 6.06
N ALA A 331 -9.55 20.10 5.36
CA ALA A 331 -10.82 19.64 4.82
C ALA A 331 -11.71 18.97 5.86
N GLY A 332 -11.15 18.73 7.04
CA GLY A 332 -11.93 18.08 8.08
C GLY A 332 -12.03 16.58 7.91
N TRP A 333 -11.04 16.00 7.25
CA TRP A 333 -11.00 14.56 7.05
C TRP A 333 -10.40 13.97 8.33
N LYS A 334 -11.25 13.38 9.16
CA LYS A 334 -10.81 12.82 10.44
C LYS A 334 -10.23 11.41 10.28
FE FE2 B . -2.48 -3.25 4.14
S SO4 C . -4.18 4.14 10.94
O1 SO4 C . -5.59 4.31 11.32
O2 SO4 C . -3.56 5.45 10.73
O3 SO4 C . -3.46 3.42 12.00
O4 SO4 C . -4.09 3.35 9.69
S SO4 D . -4.75 -1.91 10.13
O1 SO4 D . -5.85 -2.80 10.58
O2 SO4 D . -4.66 -0.76 11.05
O3 SO4 D . -5.04 -1.42 8.77
O4 SO4 D . -3.48 -2.63 10.13
S SO4 E . -4.38 13.62 -15.38
O1 SO4 E . -5.51 12.68 -15.30
O2 SO4 E . -4.90 15.00 -15.53
O3 SO4 E . -3.54 13.27 -16.54
O4 SO4 E . -3.58 13.53 -14.14
S SO4 F . -0.98 24.80 -6.80
O1 SO4 F . -2.09 24.90 -5.85
O2 SO4 F . -0.23 26.07 -6.81
O3 SO4 F . -1.47 24.53 -8.15
O4 SO4 F . -0.06 23.72 -6.38
C1 EDO G . -1.22 0.91 7.20
O1 EDO G . -2.01 1.76 8.03
C2 EDO G . -1.77 -0.51 7.30
O2 EDO G . -1.58 -1.00 8.63
#